data_2ZVO
#
_entry.id   2ZVO
#
_cell.length_a   130.861
_cell.length_b   98.372
_cell.length_c   50.616
_cell.angle_alpha   90.00
_cell.angle_beta   101.96
_cell.angle_gamma   90.00
#
_symmetry.space_group_name_H-M   'C 1 2 1'
#
loop_
_entity.id
_entity.type
_entity.pdbx_description
1 polymer 'UBC protein'
2 polymer 'NF-kappa-B essential modulator'
3 water water
#
loop_
_entity_poly.entity_id
_entity_poly.type
_entity_poly.pdbx_seq_one_letter_code
_entity_poly.pdbx_strand_id
1 'polypeptide(L)'
;GSMQIFVKTLTGKTITLEVEPSDTIENVKAKIQDKEGIPPDQQRLIFAGKQLEDGRTLSDYNIQKESTLHLVLRLRGGMQ
IFVKTLTGKTITLEVEPSDTIENVKAKIQDKEGIPPDQQRLIFAGKQLEDGRTLSDYNIQKESTLHLVLRLRGG
;
A,G
2 'polypeptide(L)'
;GSGMQLEDLRQQLQQAEEALVAKQELIDKLKEEAAQHAIVMETVPVLKAQADIYKADFQAERHAREKLVEKKEYLQEQLE
QLQREFNKLKVG
;
B,D
#
# COMPACT_ATOMS: atom_id res chain seq x y z
N SER A 2 30.52 12.74 -14.23
CA SER A 2 30.82 11.59 -13.30
C SER A 2 30.30 11.85 -11.88
N MET A 3 29.09 12.43 -11.81
CA MET A 3 28.45 12.83 -10.55
C MET A 3 28.24 11.70 -9.52
N GLN A 4 27.55 12.02 -8.42
CA GLN A 4 27.08 11.01 -7.46
C GLN A 4 25.80 11.46 -6.75
N ILE A 5 24.95 10.49 -6.39
CA ILE A 5 23.59 10.76 -5.87
C ILE A 5 23.21 9.95 -4.64
N PHE A 6 22.16 10.39 -3.97
CA PHE A 6 21.70 9.69 -2.80
C PHE A 6 20.44 8.93 -3.13
N VAL A 7 20.24 7.80 -2.49
CA VAL A 7 19.00 7.07 -2.64
C VAL A 7 18.41 6.78 -1.27
N LYS A 8 17.19 7.24 -1.03
CA LYS A 8 16.57 7.14 0.29
C LYS A 8 15.13 6.61 0.28
N THR A 9 14.91 5.54 1.05
CA THR A 9 13.58 4.97 1.24
C THR A 9 12.79 5.86 2.16
N LEU A 10 11.56 5.45 2.43
CA LEU A 10 10.74 6.14 3.41
C LEU A 10 11.07 5.68 4.82
N THR A 11 11.65 4.50 4.94
CA THR A 11 12.02 3.94 6.25
C THR A 11 13.36 4.46 6.81
N GLY A 12 13.89 5.53 6.23
CA GLY A 12 15.25 5.97 6.56
C GLY A 12 16.24 5.07 5.85
N LYS A 13 17.54 5.31 6.08
CA LYS A 13 18.62 4.56 5.43
C LYS A 13 18.98 5.16 4.07
N THR A 14 20.03 5.97 4.04
CA THR A 14 20.51 6.50 2.76
C THR A 14 21.66 5.65 2.22
N ILE A 15 21.77 5.59 0.90
CA ILE A 15 22.94 5.02 0.27
C ILE A 15 23.39 5.93 -0.86
N THR A 16 24.67 5.85 -1.21
CA THR A 16 25.20 6.62 -2.33
C THR A 16 25.58 5.75 -3.50
N LEU A 17 25.36 6.29 -4.68
CA LEU A 17 25.74 5.63 -5.91
C LEU A 17 26.60 6.53 -6.78
N GLU A 18 27.62 5.96 -7.38
CA GLU A 18 28.43 6.70 -8.34
C GLU A 18 27.79 6.53 -9.70
N VAL A 19 27.28 7.63 -10.25
CA VAL A 19 26.48 7.59 -11.49
C VAL A 19 27.02 8.47 -12.61
N GLU A 20 26.40 8.41 -13.78
CA GLU A 20 26.83 9.22 -14.92
C GLU A 20 25.60 9.93 -15.42
N PRO A 21 25.74 11.19 -15.86
CA PRO A 21 24.49 11.86 -16.31
C PRO A 21 23.72 11.09 -17.42
N SER A 22 24.46 10.34 -18.23
CA SER A 22 23.91 9.53 -19.35
C SER A 22 23.26 8.17 -18.95
N ASP A 23 23.59 7.65 -17.76
CA ASP A 23 22.99 6.40 -17.25
C ASP A 23 21.47 6.46 -17.29
N THR A 24 20.83 5.30 -17.46
CA THR A 24 19.37 5.22 -17.45
C THR A 24 18.85 4.87 -16.05
N ILE A 25 17.57 5.16 -15.81
CA ILE A 25 16.93 4.89 -14.53
C ILE A 25 17.04 3.42 -14.19
N GLU A 26 16.81 2.58 -15.20
CA GLU A 26 16.96 1.13 -15.08
C GLU A 26 18.41 0.76 -14.70
N ASN A 27 19.38 1.50 -15.23
CA ASN A 27 20.79 1.24 -14.93
C ASN A 27 21.07 1.41 -13.45
N VAL A 28 20.40 2.40 -12.87
CA VAL A 28 20.51 2.73 -11.45
C VAL A 28 19.90 1.61 -10.62
N LYS A 29 18.67 1.22 -10.96
CA LYS A 29 17.98 0.13 -10.29
C LYS A 29 18.93 -1.06 -10.16
N ALA A 30 19.69 -1.28 -11.23
CA ALA A 30 20.67 -2.33 -11.29
C ALA A 30 21.68 -2.13 -10.18
N LYS A 31 22.25 -0.92 -10.14
CA LYS A 31 23.13 -0.55 -9.05
C LYS A 31 22.41 -0.68 -7.70
N ILE A 32 21.21 -0.11 -7.59
CA ILE A 32 20.47 -0.21 -6.34
C ILE A 32 20.32 -1.67 -5.95
N GLN A 33 20.35 -2.57 -6.93
CA GLN A 33 20.36 -4.00 -6.64
C GLN A 33 21.76 -4.52 -6.28
N ASP A 34 22.75 -4.13 -7.10
CA ASP A 34 24.18 -4.49 -6.90
C ASP A 34 24.64 -4.39 -5.46
N LYS A 35 24.21 -3.34 -4.74
CA LYS A 35 24.63 -3.21 -3.35
C LYS A 35 23.55 -3.52 -2.34
N GLU A 36 22.32 -3.12 -2.62
CA GLU A 36 21.23 -3.31 -1.67
C GLU A 36 20.63 -4.70 -1.74
N GLY A 37 20.82 -5.37 -2.87
CA GLY A 37 20.22 -6.68 -3.13
C GLY A 37 18.73 -6.66 -3.41
N ILE A 38 18.22 -5.50 -3.85
CA ILE A 38 16.79 -5.29 -4.15
C ILE A 38 16.52 -5.44 -5.67
N PRO A 39 15.64 -6.36 -6.05
CA PRO A 39 15.41 -6.60 -7.47
C PRO A 39 14.73 -5.42 -8.12
N PRO A 40 15.23 -5.00 -9.29
CA PRO A 40 14.77 -3.85 -10.05
C PRO A 40 13.25 -3.79 -10.20
N ASP A 41 12.61 -4.94 -10.28
CA ASP A 41 11.16 -5.02 -10.47
C ASP A 41 10.36 -4.71 -9.20
N GLN A 42 11.07 -4.45 -8.11
CA GLN A 42 10.47 -4.11 -6.82
C GLN A 42 10.82 -2.70 -6.38
N GLN A 43 11.38 -1.90 -7.27
CA GLN A 43 11.73 -0.55 -6.89
C GLN A 43 11.12 0.49 -7.79
N ARG A 44 10.60 1.54 -7.15
CA ARG A 44 10.03 2.68 -7.84
C ARG A 44 10.69 3.98 -7.36
N LEU A 45 11.44 4.60 -8.28
CA LEU A 45 12.21 5.79 -8.01
C LEU A 45 11.43 7.05 -8.35
N ILE A 46 11.68 8.10 -7.57
CA ILE A 46 10.91 9.33 -7.64
C ILE A 46 11.85 10.52 -7.50
N PHE A 47 11.84 11.40 -8.48
CA PHE A 47 12.58 12.64 -8.38
C PHE A 47 11.70 13.77 -8.87
N ALA A 48 11.64 14.83 -8.06
CA ALA A 48 10.77 16.00 -8.32
C ALA A 48 9.26 15.66 -8.32
N GLY A 49 8.86 14.80 -7.37
CA GLY A 49 7.46 14.41 -7.17
C GLY A 49 6.97 13.31 -8.09
N LYS A 50 7.87 12.78 -8.91
CA LYS A 50 7.49 11.96 -10.05
C LYS A 50 8.27 10.66 -10.19
N GLN A 51 7.51 9.58 -10.41
CA GLN A 51 8.05 8.27 -10.71
C GLN A 51 8.90 8.36 -11.98
N LEU A 52 10.11 7.83 -11.91
CA LEU A 52 11.03 7.88 -13.04
C LEU A 52 10.97 6.62 -13.88
N GLU A 53 10.95 6.80 -15.20
CA GLU A 53 10.80 5.70 -16.14
C GLU A 53 12.15 5.10 -16.47
N ASP A 54 12.21 3.76 -16.48
CA ASP A 54 13.42 3.00 -16.79
C ASP A 54 14.06 3.48 -18.07
N GLY A 55 13.21 3.92 -19.01
CA GLY A 55 13.63 4.36 -20.32
C GLY A 55 14.62 5.51 -20.27
N ARG A 56 14.21 6.61 -19.65
CA ARG A 56 14.97 7.85 -19.72
C ARG A 56 16.23 7.88 -18.84
N THR A 57 17.08 8.88 -19.05
CA THR A 57 18.34 8.98 -18.33
C THR A 57 18.23 9.88 -17.09
N LEU A 58 19.36 10.13 -16.43
CA LEU A 58 19.44 11.05 -15.31
C LEU A 58 19.32 12.48 -15.85
N SER A 59 20.18 12.78 -16.81
CA SER A 59 20.14 14.00 -17.60
C SER A 59 18.72 14.43 -17.94
N ASP A 60 17.94 13.52 -18.52
CA ASP A 60 16.55 13.78 -18.86
C ASP A 60 15.74 14.41 -17.74
N TYR A 61 15.97 13.96 -16.51
CA TYR A 61 15.11 14.37 -15.40
C TYR A 61 15.68 15.51 -14.56
N ASN A 62 16.70 16.19 -15.10
CA ASN A 62 17.41 17.25 -14.39
C ASN A 62 18.00 16.81 -13.07
N ILE A 63 18.98 15.92 -13.15
CA ILE A 63 19.59 15.31 -11.96
C ILE A 63 21.11 15.54 -11.92
N GLN A 64 21.52 16.56 -11.16
CA GLN A 64 22.93 16.90 -11.01
C GLN A 64 23.45 16.25 -9.75
N LYS A 65 24.78 16.33 -9.58
CA LYS A 65 25.48 15.78 -8.42
C LYS A 65 24.79 16.15 -7.12
N GLU A 66 24.80 15.20 -6.18
CA GLU A 66 24.20 15.37 -4.84
C GLU A 66 22.69 15.59 -4.89
N SER A 67 22.00 14.82 -5.75
CA SER A 67 20.55 14.81 -5.76
C SER A 67 20.01 13.59 -5.03
N THR A 68 18.90 13.76 -4.33
CA THR A 68 18.32 12.67 -3.58
C THR A 68 17.12 12.09 -4.31
N LEU A 69 17.23 10.79 -4.59
CA LEU A 69 16.20 10.04 -5.29
C LEU A 69 15.49 9.13 -4.33
N HIS A 70 14.17 9.19 -4.36
CA HIS A 70 13.34 8.40 -3.47
C HIS A 70 13.07 7.03 -4.06
N LEU A 71 12.94 6.04 -3.18
CA LEU A 71 12.78 4.66 -3.60
C LEU A 71 11.71 3.92 -2.77
N VAL A 72 10.59 3.67 -3.43
CA VAL A 72 9.49 2.93 -2.82
C VAL A 72 9.66 1.44 -3.13
N LEU A 73 9.46 0.61 -2.12
CA LEU A 73 9.52 -0.83 -2.33
C LEU A 73 8.12 -1.47 -2.49
N ARG A 74 7.95 -2.11 -3.65
CA ARG A 74 6.79 -2.91 -3.99
C ARG A 74 6.64 -4.01 -2.97
N LEU A 75 5.40 -4.42 -2.73
CA LEU A 75 5.15 -5.54 -1.83
C LEU A 75 5.37 -6.86 -2.55
N ARG A 76 5.28 -6.77 -3.88
CA ARG A 76 5.00 -7.89 -4.76
C ARG A 76 5.74 -7.63 -6.06
N GLY A 77 6.72 -8.44 -6.41
CA GLY A 77 7.37 -8.15 -7.68
C GLY A 77 7.39 -9.29 -8.67
N GLY A 78 6.89 -9.04 -9.88
CA GLY A 78 7.29 -9.85 -11.05
C GLY A 78 6.95 -11.34 -11.10
N MET A 79 7.86 -12.18 -10.61
CA MET A 79 7.68 -13.64 -10.63
C MET A 79 7.70 -14.21 -9.21
N GLN A 80 6.66 -14.94 -8.87
CA GLN A 80 6.61 -15.65 -7.61
C GLN A 80 6.65 -17.16 -7.84
N ILE A 81 7.38 -17.88 -7.00
CA ILE A 81 7.29 -19.34 -6.98
C ILE A 81 6.73 -19.75 -5.61
N PHE A 82 6.57 -21.05 -5.38
CA PHE A 82 6.04 -21.50 -4.10
C PHE A 82 6.95 -22.53 -3.46
N VAL A 83 6.85 -22.68 -2.15
CA VAL A 83 7.58 -23.74 -1.45
C VAL A 83 6.70 -24.47 -0.44
N LYS A 84 6.35 -25.71 -0.77
CA LYS A 84 5.54 -26.55 0.10
C LYS A 84 6.42 -27.32 1.10
N THR A 85 6.13 -27.13 2.39
CA THR A 85 6.81 -27.89 3.44
C THR A 85 6.21 -29.27 3.48
N LEU A 86 6.93 -30.20 4.11
CA LEU A 86 6.47 -31.60 4.26
C LEU A 86 5.29 -31.73 5.24
N THR A 87 4.47 -30.68 5.37
CA THR A 87 3.30 -30.66 6.24
C THR A 87 2.12 -30.08 5.46
N GLY A 88 2.40 -29.66 4.22
CA GLY A 88 1.40 -29.04 3.37
C GLY A 88 1.51 -27.53 3.39
N LYS A 89 2.18 -27.00 4.41
CA LYS A 89 2.35 -25.56 4.56
C LYS A 89 3.03 -25.05 3.31
N THR A 90 2.31 -24.22 2.58
CA THR A 90 2.78 -23.70 1.32
C THR A 90 2.96 -22.21 1.48
N ILE A 91 4.16 -21.74 1.11
CA ILE A 91 4.48 -20.33 1.12
C ILE A 91 4.92 -19.89 -0.27
N THR A 92 4.98 -18.58 -0.49
CA THR A 92 5.48 -18.03 -1.73
C THR A 92 6.73 -17.14 -1.56
N LEU A 93 7.54 -17.15 -2.61
CA LEU A 93 8.79 -16.45 -2.66
C LEU A 93 8.76 -15.49 -3.81
N GLU A 94 9.61 -14.47 -3.76
CA GLU A 94 9.70 -13.49 -4.81
C GLU A 94 11.08 -13.66 -5.40
N VAL A 95 11.15 -13.96 -6.70
CA VAL A 95 12.41 -14.31 -7.32
C VAL A 95 12.49 -13.87 -8.76
N GLU A 96 13.63 -14.20 -9.33
CA GLU A 96 13.96 -13.94 -10.71
C GLU A 96 14.71 -15.15 -11.23
N PRO A 97 14.62 -15.44 -12.54
CA PRO A 97 15.34 -16.54 -13.17
C PRO A 97 16.84 -16.64 -12.79
N SER A 98 17.49 -15.50 -12.56
CA SER A 98 18.91 -15.48 -12.24
C SER A 98 19.21 -15.64 -10.74
N ASP A 99 18.16 -15.86 -9.94
CA ASP A 99 18.33 -16.13 -8.51
C ASP A 99 18.99 -17.48 -8.26
N THR A 100 19.96 -17.50 -7.35
CA THR A 100 20.63 -18.74 -6.99
C THR A 100 19.84 -19.44 -5.88
N ILE A 101 20.17 -20.69 -5.61
CA ILE A 101 19.52 -21.45 -4.55
C ILE A 101 19.88 -20.93 -3.15
N GLU A 102 21.10 -20.41 -2.99
CA GLU A 102 21.49 -19.68 -1.77
C GLU A 102 20.58 -18.47 -1.65
N ASN A 103 20.43 -17.76 -2.76
CA ASN A 103 19.59 -16.58 -2.81
C ASN A 103 18.11 -16.95 -2.79
N VAL A 104 17.84 -18.19 -2.42
CA VAL A 104 16.47 -18.66 -2.29
C VAL A 104 16.28 -19.25 -0.89
N LYS A 105 17.28 -20.02 -0.46
CA LYS A 105 17.33 -20.58 0.87
C LYS A 105 17.29 -19.45 1.92
N ALA A 106 17.87 -18.31 1.55
CA ALA A 106 17.87 -17.12 2.41
C ALA A 106 16.46 -16.64 2.73
N LYS A 107 15.57 -16.67 1.74
CA LYS A 107 14.20 -16.16 1.89
C LYS A 107 13.32 -17.16 2.63
N ILE A 108 13.59 -18.44 2.40
CA ILE A 108 12.95 -19.51 3.14
C ILE A 108 13.06 -19.20 4.64
N GLN A 109 14.31 -19.07 5.06
CA GLN A 109 14.66 -18.66 6.41
C GLN A 109 14.00 -17.36 6.84
N ASP A 110 13.80 -16.42 5.92
CA ASP A 110 13.21 -15.13 6.27
C ASP A 110 11.75 -15.28 6.66
N LYS A 111 11.17 -16.43 6.32
CA LYS A 111 9.79 -16.69 6.68
C LYS A 111 9.66 -17.82 7.70
N GLU A 112 10.37 -18.92 7.41
CA GLU A 112 10.34 -20.12 8.24
C GLU A 112 11.31 -20.05 9.42
N GLY A 113 12.41 -19.33 9.24
CA GLY A 113 13.42 -19.20 10.26
C GLY A 113 14.26 -20.45 10.32
N ILE A 114 14.81 -20.85 9.19
CA ILE A 114 15.58 -22.07 9.12
C ILE A 114 16.87 -21.78 8.39
N PRO A 115 18.01 -22.02 9.06
CA PRO A 115 19.32 -21.83 8.44
C PRO A 115 19.48 -22.65 7.15
N PRO A 116 19.87 -21.99 6.03
CA PRO A 116 20.14 -22.57 4.71
C PRO A 116 20.96 -23.88 4.70
N ASP A 117 21.78 -24.10 5.72
CA ASP A 117 22.59 -25.32 5.79
C ASP A 117 21.78 -26.54 6.23
N GLN A 118 20.57 -26.29 6.76
CA GLN A 118 19.63 -27.34 7.18
C GLN A 118 18.47 -27.59 6.18
N GLN A 119 18.55 -26.96 5.01
CA GLN A 119 17.49 -27.00 4.02
C GLN A 119 17.87 -27.87 2.82
N ARG A 120 16.99 -28.81 2.47
CA ARG A 120 17.11 -29.57 1.23
C ARG A 120 15.92 -29.28 0.32
N LEU A 121 16.18 -28.56 -0.76
CA LEU A 121 15.14 -28.21 -1.72
C LEU A 121 15.12 -29.20 -2.87
N ILE A 122 13.90 -29.52 -3.32
CA ILE A 122 13.68 -30.50 -4.39
C ILE A 122 12.79 -29.89 -5.48
N PHE A 123 13.12 -30.20 -6.73
CA PHE A 123 12.27 -29.86 -7.86
C PHE A 123 12.02 -31.08 -8.75
N ALA A 124 10.85 -31.70 -8.56
CA ALA A 124 10.47 -32.99 -9.15
C ALA A 124 11.61 -34.02 -9.07
N GLY A 125 11.84 -34.53 -7.86
CA GLY A 125 12.75 -35.65 -7.62
C GLY A 125 14.23 -35.34 -7.49
N LYS A 126 14.66 -34.27 -8.16
CA LYS A 126 16.08 -33.90 -8.16
C LYS A 126 16.40 -32.86 -7.09
N GLN A 127 17.47 -33.12 -6.35
CA GLN A 127 17.98 -32.20 -5.34
C GLN A 127 18.60 -30.98 -5.99
N LEU A 128 18.24 -29.79 -5.50
CA LEU A 128 18.77 -28.55 -6.03
C LEU A 128 20.11 -28.26 -5.37
N GLU A 129 21.00 -27.59 -6.10
CA GLU A 129 22.36 -27.24 -5.60
C GLU A 129 22.55 -25.73 -5.37
N ASP A 130 23.23 -25.39 -4.28
CA ASP A 130 23.44 -24.00 -3.87
C ASP A 130 24.12 -23.18 -4.95
N GLY A 131 25.12 -23.78 -5.59
CA GLY A 131 25.90 -23.10 -6.64
C GLY A 131 25.14 -22.67 -7.88
N ARG A 132 24.18 -23.49 -8.31
CA ARG A 132 23.45 -23.21 -9.55
C ARG A 132 22.33 -22.19 -9.37
N THR A 133 21.69 -21.82 -10.47
CA THR A 133 20.66 -20.74 -10.51
C THR A 133 19.27 -21.33 -10.81
N LEU A 134 18.21 -20.54 -10.66
CA LEU A 134 16.84 -21.05 -10.84
C LEU A 134 16.58 -21.52 -12.26
N SER A 135 16.97 -20.68 -13.21
CA SER A 135 16.84 -20.99 -14.63
C SER A 135 17.57 -22.29 -15.01
N ASP A 136 18.75 -22.52 -14.40
CA ASP A 136 19.51 -23.77 -14.58
C ASP A 136 18.66 -25.04 -14.36
N TYR A 137 17.75 -24.96 -13.39
CA TYR A 137 16.83 -26.05 -13.08
C TYR A 137 15.45 -25.82 -13.70
N ASN A 138 15.41 -25.14 -14.83
CA ASN A 138 14.15 -24.71 -15.47
C ASN A 138 12.92 -24.64 -14.56
N ILE A 139 13.00 -23.76 -13.55
CA ILE A 139 11.86 -23.50 -12.67
C ILE A 139 11.21 -22.20 -13.15
N GLN A 140 9.93 -22.28 -13.50
CA GLN A 140 9.24 -21.15 -14.10
C GLN A 140 8.19 -20.66 -13.13
N LYS A 141 7.59 -19.49 -13.41
CA LYS A 141 6.64 -18.85 -12.51
C LYS A 141 5.49 -19.75 -12.01
N GLU A 142 5.02 -19.50 -10.78
CA GLU A 142 3.99 -20.31 -10.10
C GLU A 142 4.37 -21.77 -9.84
N SER A 143 5.62 -22.13 -10.13
CA SER A 143 6.10 -23.49 -9.93
C SER A 143 6.31 -23.76 -8.43
N THR A 144 6.12 -25.01 -8.01
CA THR A 144 6.17 -25.35 -6.58
C THR A 144 7.39 -26.21 -6.21
N LEU A 145 8.00 -25.87 -5.08
CA LEU A 145 9.24 -26.51 -4.62
C LEU A 145 9.02 -27.30 -3.33
N HIS A 146 9.90 -28.27 -3.09
CA HIS A 146 9.72 -29.16 -1.96
C HIS A 146 10.80 -28.96 -0.92
N LEU A 147 10.38 -28.63 0.29
CA LEU A 147 11.31 -28.44 1.38
C LEU A 147 11.32 -29.61 2.35
N VAL A 148 12.47 -30.30 2.38
CA VAL A 148 12.77 -31.34 3.38
C VAL A 148 14.07 -30.94 4.10
N LEU A 149 14.23 -31.36 5.35
CA LEU A 149 15.44 -31.02 6.10
C LEU A 149 16.67 -31.78 5.59
N ARG A 150 17.81 -31.10 5.56
CA ARG A 150 19.05 -31.71 5.13
C ARG A 150 19.63 -32.66 6.17
N MET B 3 -21.92 15.50 22.08
CA MET B 3 -20.89 16.12 21.20
C MET B 3 -21.09 15.83 19.70
N GLN B 4 -20.37 16.57 18.86
CA GLN B 4 -20.47 16.39 17.43
C GLN B 4 -19.07 16.38 16.80
N ILE B 5 -18.48 15.19 16.68
CA ILE B 5 -17.13 15.09 16.11
C ILE B 5 -17.13 15.18 14.58
N PHE B 6 -15.96 15.38 13.98
CA PHE B 6 -15.81 15.43 12.52
C PHE B 6 -15.09 14.17 11.99
N VAL B 7 -15.43 13.73 10.78
CA VAL B 7 -14.71 12.63 10.15
C VAL B 7 -14.42 12.93 8.68
N LYS B 8 -13.16 12.86 8.29
CA LYS B 8 -12.78 13.16 6.91
C LYS B 8 -11.71 12.26 6.31
N THR B 9 -11.80 12.09 5.00
CA THR B 9 -10.91 11.24 4.25
C THR B 9 -9.79 12.07 3.65
N LEU B 10 -8.71 11.41 3.27
CA LEU B 10 -7.55 12.05 2.64
C LEU B 10 -7.85 12.70 1.29
N THR B 11 -9.09 12.60 0.84
CA THR B 11 -9.52 13.22 -0.39
C THR B 11 -10.95 13.66 -0.18
N GLY B 12 -11.08 14.90 0.31
CA GLY B 12 -12.37 15.56 0.52
C GLY B 12 -13.34 14.82 1.44
N LYS B 13 -14.59 15.27 1.43
CA LYS B 13 -15.67 14.65 2.20
C LYS B 13 -15.43 14.65 3.71
N THR B 14 -15.76 15.76 4.35
CA THR B 14 -15.79 15.82 5.79
C THR B 14 -17.24 15.73 6.19
N ILE B 15 -17.65 14.59 6.71
CA ILE B 15 -19.01 14.49 7.24
C ILE B 15 -18.98 14.76 8.74
N THR B 16 -20.17 14.86 9.32
CA THR B 16 -20.35 15.25 10.72
C THR B 16 -21.20 14.20 11.42
N LEU B 17 -20.95 13.97 12.71
CA LEU B 17 -21.56 12.83 13.40
C LEU B 17 -21.85 13.02 14.89
N GLU B 18 -23.13 13.11 15.23
CA GLU B 18 -23.58 13.33 16.59
C GLU B 18 -23.33 12.09 17.46
N VAL B 19 -22.49 12.22 18.49
CA VAL B 19 -22.18 11.11 19.40
C VAL B 19 -22.10 11.52 20.87
N GLU B 20 -21.92 10.54 21.76
CA GLU B 20 -21.64 10.76 23.19
C GLU B 20 -20.42 9.90 23.62
N PRO B 21 -19.60 10.37 24.60
CA PRO B 21 -18.24 9.83 24.83
C PRO B 21 -18.14 8.37 25.26
N SER B 22 -19.21 7.86 25.86
CA SER B 22 -19.30 6.47 26.32
C SER B 22 -19.30 5.47 25.16
N ASP B 23 -19.51 5.97 23.94
CA ASP B 23 -19.52 5.19 22.69
C ASP B 23 -18.19 4.51 22.36
N THR B 24 -18.29 3.25 21.93
CA THR B 24 -17.14 2.49 21.45
C THR B 24 -16.81 2.87 20.01
N ILE B 25 -15.62 2.45 19.55
CA ILE B 25 -15.21 2.64 18.18
C ILE B 25 -16.12 1.85 17.23
N GLU B 26 -16.52 0.64 17.63
CA GLU B 26 -17.40 -0.15 16.79
C GLU B 26 -18.73 0.55 16.51
N ASN B 27 -19.27 1.27 17.50
CA ASN B 27 -20.49 2.04 17.29
C ASN B 27 -20.26 3.16 16.28
N VAL B 28 -19.08 3.77 16.32
CA VAL B 28 -18.71 4.85 15.41
C VAL B 28 -18.63 4.33 13.97
N LYS B 29 -17.89 3.23 13.81
CA LYS B 29 -17.73 2.57 12.51
C LYS B 29 -19.08 2.17 11.91
N ALA B 30 -20.02 1.79 12.78
CA ALA B 30 -21.39 1.48 12.36
C ALA B 30 -22.16 2.75 11.97
N LYS B 31 -22.01 3.81 12.77
CA LYS B 31 -22.63 5.08 12.46
C LYS B 31 -22.17 5.63 11.11
N ILE B 32 -20.94 5.28 10.73
CA ILE B 32 -20.37 5.68 9.44
C ILE B 32 -20.96 4.83 8.31
N GLN B 33 -21.30 3.59 8.60
CA GLN B 33 -21.95 2.71 7.63
C GLN B 33 -23.34 3.21 7.25
N ASP B 34 -24.10 3.66 8.24
CA ASP B 34 -25.45 4.20 8.00
C ASP B 34 -25.41 5.51 7.20
N LYS B 35 -24.43 6.35 7.51
CA LYS B 35 -24.30 7.65 6.87
C LYS B 35 -23.61 7.54 5.51
N GLU B 36 -22.60 6.66 5.42
CA GLU B 36 -21.72 6.60 4.27
C GLU B 36 -21.89 5.36 3.43
N GLY B 37 -22.62 4.39 3.96
CA GLY B 37 -22.79 3.12 3.29
C GLY B 37 -21.53 2.29 3.22
N ILE B 38 -20.60 2.54 4.15
CA ILE B 38 -19.34 1.80 4.17
C ILE B 38 -19.33 0.76 5.29
N PRO B 39 -19.06 -0.50 4.94
CA PRO B 39 -18.93 -1.54 5.95
C PRO B 39 -17.87 -1.20 6.99
N PRO B 40 -18.21 -1.40 8.29
CA PRO B 40 -17.37 -1.28 9.47
C PRO B 40 -15.96 -1.85 9.33
N ASP B 41 -15.84 -3.07 8.80
CA ASP B 41 -14.55 -3.74 8.75
C ASP B 41 -13.72 -3.28 7.56
N GLN B 42 -14.28 -2.36 6.80
CA GLN B 42 -13.58 -1.74 5.69
C GLN B 42 -13.00 -0.41 6.16
N GLN B 43 -13.55 0.10 7.26
CA GLN B 43 -13.17 1.37 7.82
C GLN B 43 -11.96 1.17 8.70
N ARG B 44 -11.02 2.09 8.64
CA ARG B 44 -9.95 2.15 9.61
C ARG B 44 -9.78 3.61 10.05
N LEU B 45 -9.96 3.85 11.34
CA LEU B 45 -10.06 5.19 11.91
C LEU B 45 -8.80 5.64 12.64
N ILE B 46 -8.49 6.93 12.54
CA ILE B 46 -7.25 7.46 13.13
C ILE B 46 -7.47 8.73 13.93
N PHE B 47 -6.92 8.74 15.15
CA PHE B 47 -6.79 9.97 15.94
C PHE B 47 -5.39 10.12 16.54
N ALA B 48 -4.91 11.36 16.55
CA ALA B 48 -3.62 11.68 17.12
C ALA B 48 -2.49 10.82 16.55
N GLY B 49 -2.64 10.44 15.30
CA GLY B 49 -1.63 9.61 14.61
C GLY B 49 -1.78 8.12 14.84
N LYS B 50 -2.69 7.73 15.73
CA LYS B 50 -2.87 6.32 16.10
C LYS B 50 -4.17 5.71 15.57
N GLN B 51 -4.15 4.40 15.27
CA GLN B 51 -5.32 3.65 14.82
C GLN B 51 -6.16 3.21 16.03
N LEU B 52 -7.43 3.58 16.03
CA LEU B 52 -8.31 3.34 17.18
C LEU B 52 -8.90 1.96 17.07
N GLU B 53 -9.14 1.29 18.21
CA GLU B 53 -9.67 -0.10 18.18
C GLU B 53 -11.08 -0.26 18.76
N ASP B 54 -11.84 -1.16 18.13
CA ASP B 54 -13.28 -1.34 18.38
C ASP B 54 -13.64 -1.36 19.86
N GLY B 55 -12.78 -2.02 20.64
CA GLY B 55 -12.95 -2.20 22.07
C GLY B 55 -12.96 -0.92 22.91
N ARG B 56 -11.90 -0.13 22.78
CA ARG B 56 -11.79 1.14 23.50
C ARG B 56 -12.88 2.16 23.09
N THR B 57 -13.24 3.05 24.02
CA THR B 57 -14.29 4.07 23.82
C THR B 57 -13.68 5.40 23.37
N LEU B 58 -14.53 6.41 23.16
CA LEU B 58 -14.08 7.76 22.83
C LEU B 58 -13.40 8.45 24.02
N SER B 59 -13.87 8.17 25.23
CA SER B 59 -13.26 8.69 26.44
C SER B 59 -11.83 8.21 26.49
N ASP B 60 -11.68 6.89 26.50
CA ASP B 60 -10.40 6.21 26.54
C ASP B 60 -9.37 6.81 25.59
N TYR B 61 -9.84 7.29 24.43
CA TYR B 61 -8.97 7.96 23.44
C TYR B 61 -8.90 9.48 23.58
N ASN B 62 -9.51 9.99 24.65
CA ASN B 62 -9.52 11.43 24.92
C ASN B 62 -9.99 12.27 23.73
N ILE B 63 -11.09 11.83 23.14
CA ILE B 63 -11.65 12.51 21.98
C ILE B 63 -12.90 13.26 22.41
N GLN B 64 -12.90 14.57 22.16
CA GLN B 64 -13.99 15.44 22.57
C GLN B 64 -14.66 16.09 21.35
N LYS B 65 -15.55 17.04 21.56
CA LYS B 65 -16.30 17.66 20.45
C LYS B 65 -15.40 18.27 19.37
N GLU B 66 -15.93 18.39 18.15
CA GLU B 66 -15.20 18.92 16.99
C GLU B 66 -13.88 18.22 16.64
N SER B 67 -13.59 17.12 17.35
CA SER B 67 -12.45 16.26 17.03
C SER B 67 -12.59 15.75 15.60
N THR B 68 -11.53 15.92 14.81
CA THR B 68 -11.47 15.39 13.45
C THR B 68 -10.82 13.98 13.45
N LEU B 69 -11.59 13.01 12.95
CA LEU B 69 -11.15 11.61 12.88
C LEU B 69 -10.75 11.28 11.46
N HIS B 70 -9.54 10.73 11.30
CA HIS B 70 -9.03 10.42 9.96
C HIS B 70 -9.48 9.03 9.52
N LEU B 71 -9.97 8.94 8.29
CA LEU B 71 -10.52 7.67 7.78
C LEU B 71 -9.83 7.14 6.53
N VAL B 72 -9.15 6.00 6.65
CA VAL B 72 -8.60 5.34 5.47
C VAL B 72 -9.43 4.12 5.12
N LEU B 73 -9.79 3.99 3.86
CA LEU B 73 -10.51 2.82 3.41
C LEU B 73 -9.54 1.67 3.15
N ARG B 74 -9.93 0.47 3.56
CA ARG B 74 -9.18 -0.76 3.26
C ARG B 74 -9.34 -1.07 1.78
N LEU B 75 -8.52 -1.96 1.25
CA LEU B 75 -8.68 -2.38 -0.13
C LEU B 75 -9.68 -3.53 -0.22
N ARG B 76 -10.12 -3.98 0.95
CA ARG B 76 -11.02 -5.10 1.10
C ARG B 76 -11.61 -5.08 2.52
N GLY B 77 -12.87 -5.50 2.66
CA GLY B 77 -13.41 -5.85 3.98
C GLY B 77 -12.87 -7.23 4.32
N GLY B 78 -13.51 -7.91 5.27
CA GLY B 78 -13.11 -9.28 5.68
C GLY B 78 -13.60 -10.45 4.83
N MET B 79 -14.88 -10.42 4.45
CA MET B 79 -15.52 -11.55 3.77
C MET B 79 -15.67 -11.22 2.30
N GLN B 80 -15.24 -12.14 1.45
CA GLN B 80 -15.55 -12.04 0.04
C GLN B 80 -15.93 -13.37 -0.58
N ILE B 81 -16.75 -13.30 -1.63
CA ILE B 81 -17.24 -14.46 -2.37
C ILE B 81 -17.01 -14.29 -3.86
N PHE B 82 -17.41 -15.30 -4.63
CA PHE B 82 -17.17 -15.32 -6.06
C PHE B 82 -18.44 -15.68 -6.81
N VAL B 83 -18.70 -14.98 -7.91
CA VAL B 83 -19.78 -15.41 -8.77
C VAL B 83 -19.22 -15.96 -10.08
N LYS B 84 -19.49 -17.25 -10.35
CA LYS B 84 -19.06 -17.84 -11.60
C LYS B 84 -20.05 -17.50 -12.67
N THR B 85 -19.59 -16.62 -13.57
CA THR B 85 -20.38 -16.15 -14.69
C THR B 85 -20.60 -17.29 -15.68
N LEU B 86 -21.67 -17.17 -16.47
CA LEU B 86 -22.08 -18.17 -17.44
C LEU B 86 -20.95 -18.74 -18.31
N THR B 87 -19.90 -17.94 -18.52
CA THR B 87 -18.74 -18.37 -19.31
C THR B 87 -17.73 -19.15 -18.47
N GLY B 88 -17.76 -18.97 -17.14
CA GLY B 88 -16.76 -19.56 -16.25
C GLY B 88 -15.84 -18.48 -15.64
N LYS B 89 -15.89 -17.27 -16.22
CA LYS B 89 -15.16 -16.11 -15.70
C LYS B 89 -15.65 -15.84 -14.28
N THR B 90 -14.73 -15.95 -13.33
CA THR B 90 -15.10 -15.80 -11.95
C THR B 90 -14.68 -14.44 -11.43
N ILE B 91 -15.66 -13.68 -10.96
CA ILE B 91 -15.40 -12.34 -10.44
C ILE B 91 -15.49 -12.39 -8.94
N THR B 92 -14.79 -11.46 -8.31
CA THR B 92 -14.76 -11.49 -6.88
C THR B 92 -15.51 -10.31 -6.30
N LEU B 93 -16.13 -10.55 -5.15
CA LEU B 93 -17.05 -9.60 -4.55
C LEU B 93 -16.73 -9.40 -3.09
N GLU B 94 -17.01 -8.21 -2.58
CA GLU B 94 -16.77 -7.85 -1.19
C GLU B 94 -18.13 -7.85 -0.50
N VAL B 95 -18.24 -8.51 0.66
CA VAL B 95 -19.56 -8.67 1.28
C VAL B 95 -19.53 -8.75 2.80
N GLU B 96 -20.72 -8.62 3.40
CA GLU B 96 -20.99 -8.89 4.80
C GLU B 96 -22.09 -9.95 4.87
N PRO B 97 -22.08 -10.80 5.93
CA PRO B 97 -23.19 -11.73 6.21
C PRO B 97 -24.46 -10.98 6.63
N SER B 98 -24.86 -9.99 5.86
CA SER B 98 -26.01 -9.17 6.22
C SER B 98 -26.59 -8.63 4.92
N ASP B 99 -25.73 -8.56 3.90
CA ASP B 99 -26.09 -8.16 2.54
C ASP B 99 -27.24 -9.03 2.03
N THR B 100 -28.32 -8.39 1.55
CA THR B 100 -29.41 -9.11 0.90
C THR B 100 -29.00 -9.45 -0.51
N ILE B 101 -29.56 -10.53 -1.07
CA ILE B 101 -29.19 -10.99 -2.40
C ILE B 101 -29.33 -9.87 -3.44
N GLU B 102 -30.23 -8.94 -3.20
CA GLU B 102 -30.39 -7.81 -4.11
C GLU B 102 -29.12 -7.02 -4.18
N ASN B 103 -28.55 -6.74 -3.00
CA ASN B 103 -27.32 -5.97 -2.91
C ASN B 103 -26.21 -6.68 -3.65
N VAL B 104 -26.26 -8.02 -3.63
CA VAL B 104 -25.22 -8.86 -4.23
C VAL B 104 -25.29 -8.75 -5.76
N LYS B 105 -26.52 -8.64 -6.25
CA LYS B 105 -26.77 -8.45 -7.66
C LYS B 105 -26.27 -7.06 -8.04
N ALA B 106 -26.72 -6.05 -7.30
CA ALA B 106 -26.29 -4.68 -7.52
C ALA B 106 -24.78 -4.62 -7.71
N LYS B 107 -24.04 -5.26 -6.79
CA LYS B 107 -22.59 -5.40 -6.87
C LYS B 107 -22.13 -6.11 -8.14
N ILE B 108 -22.93 -7.06 -8.62
CA ILE B 108 -22.59 -7.76 -9.84
C ILE B 108 -22.90 -6.89 -11.03
N GLN B 109 -23.97 -6.11 -10.92
CA GLN B 109 -24.31 -5.19 -11.99
C GLN B 109 -23.19 -4.18 -12.15
N ASP B 110 -22.59 -3.79 -11.01
CA ASP B 110 -21.55 -2.77 -10.99
C ASP B 110 -20.35 -3.22 -11.78
N LYS B 111 -19.81 -4.38 -11.41
CA LYS B 111 -18.62 -4.93 -12.06
C LYS B 111 -18.92 -5.51 -13.45
N GLU B 112 -20.09 -6.10 -13.63
CA GLU B 112 -20.37 -6.88 -14.84
C GLU B 112 -21.34 -6.25 -15.84
N GLY B 113 -22.28 -5.44 -15.34
CA GLY B 113 -23.24 -4.77 -16.21
C GLY B 113 -24.48 -5.60 -16.56
N ILE B 114 -24.64 -6.72 -15.85
CA ILE B 114 -25.82 -7.57 -16.01
C ILE B 114 -26.94 -7.00 -15.16
N PRO B 115 -28.06 -6.60 -15.80
CA PRO B 115 -29.18 -6.02 -15.04
C PRO B 115 -29.70 -7.03 -14.05
N PRO B 116 -30.01 -6.59 -12.81
CA PRO B 116 -30.45 -7.48 -11.74
C PRO B 116 -31.68 -8.30 -12.09
N ASP B 117 -32.63 -7.73 -12.84
CA ASP B 117 -33.83 -8.49 -13.25
C ASP B 117 -33.49 -9.70 -14.13
N GLN B 118 -32.25 -9.75 -14.60
CA GLN B 118 -31.77 -10.82 -15.46
C GLN B 118 -30.69 -11.65 -14.80
N GLN B 119 -30.67 -11.69 -13.47
CA GLN B 119 -29.68 -12.52 -12.77
C GLN B 119 -30.36 -13.64 -12.04
N ARG B 120 -29.75 -14.82 -12.06
CA ARG B 120 -30.20 -15.94 -11.23
C ARG B 120 -29.01 -16.56 -10.49
N LEU B 121 -29.13 -16.68 -9.17
CA LEU B 121 -28.00 -17.07 -8.36
C LEU B 121 -28.23 -18.36 -7.62
N ILE B 122 -27.33 -19.31 -7.82
CA ILE B 122 -27.39 -20.58 -7.12
C ILE B 122 -26.08 -20.80 -6.37
N PHE B 123 -26.20 -21.31 -5.16
CA PHE B 123 -25.05 -21.66 -4.34
C PHE B 123 -25.19 -23.14 -3.97
N ALA B 124 -24.52 -24.00 -4.74
CA ALA B 124 -24.59 -25.47 -4.59
C ALA B 124 -26.05 -25.96 -4.40
N GLY B 125 -26.82 -25.97 -5.49
CA GLY B 125 -28.30 -26.07 -5.41
C GLY B 125 -28.91 -24.93 -4.58
N LYS B 126 -30.23 -24.84 -4.55
CA LYS B 126 -30.92 -23.77 -3.79
C LYS B 126 -30.89 -22.42 -4.53
N GLN B 127 -31.99 -22.10 -5.18
CA GLN B 127 -32.09 -20.85 -5.89
C GLN B 127 -32.39 -19.73 -4.91
N LEU B 128 -31.50 -18.74 -4.89
CA LEU B 128 -31.49 -17.66 -3.90
C LEU B 128 -32.38 -16.49 -4.28
N GLU B 129 -33.08 -15.92 -3.29
CA GLU B 129 -34.03 -14.83 -3.52
C GLU B 129 -33.64 -13.47 -2.92
N ASP B 130 -34.05 -12.41 -3.61
CA ASP B 130 -33.81 -10.99 -3.25
C ASP B 130 -34.03 -10.57 -1.79
N GLY B 131 -34.94 -11.25 -1.10
CA GLY B 131 -35.30 -10.88 0.27
C GLY B 131 -34.36 -11.38 1.35
N ARG B 132 -33.56 -12.39 1.01
CA ARG B 132 -32.72 -13.07 1.99
C ARG B 132 -31.28 -12.54 2.03
N THR B 133 -30.54 -12.96 3.04
CA THR B 133 -29.16 -12.53 3.23
C THR B 133 -28.26 -13.70 3.01
N LEU B 134 -27.00 -13.41 2.71
CA LEU B 134 -26.04 -14.46 2.43
C LEU B 134 -26.00 -15.37 3.62
N SER B 135 -26.01 -14.75 4.80
CA SER B 135 -26.00 -15.48 6.07
C SER B 135 -27.21 -16.36 6.29
N ASP B 136 -28.37 -15.94 5.77
CA ASP B 136 -29.58 -16.79 5.77
C ASP B 136 -29.27 -18.13 5.11
N TYR B 137 -28.60 -18.09 3.96
CA TYR B 137 -28.27 -19.30 3.19
C TYR B 137 -26.98 -19.92 3.68
N ASN B 138 -26.50 -19.39 4.81
CA ASN B 138 -25.30 -19.90 5.44
C ASN B 138 -24.14 -19.87 4.43
N ILE B 139 -23.94 -18.69 3.84
CA ILE B 139 -22.88 -18.46 2.87
C ILE B 139 -21.65 -17.93 3.60
N GLN B 140 -20.53 -18.62 3.41
CA GLN B 140 -19.31 -18.30 4.12
C GLN B 140 -18.43 -17.44 3.23
N LYS B 141 -17.38 -16.84 3.80
CA LYS B 141 -16.25 -16.34 3.00
C LYS B 141 -15.69 -17.46 2.11
N GLU B 142 -15.11 -17.10 0.97
CA GLU B 142 -14.59 -18.08 -0.01
C GLU B 142 -15.65 -18.99 -0.68
N SER B 143 -16.93 -18.77 -0.39
CA SER B 143 -18.02 -19.46 -1.09
C SER B 143 -18.18 -18.97 -2.54
N THR B 144 -18.55 -19.89 -3.42
CA THR B 144 -18.76 -19.53 -4.83
C THR B 144 -20.22 -19.74 -5.31
N LEU B 145 -20.77 -18.67 -5.88
CA LEU B 145 -22.11 -18.68 -6.45
C LEU B 145 -22.06 -18.86 -7.96
N HIS B 146 -23.16 -19.33 -8.53
CA HIS B 146 -23.27 -19.47 -9.97
C HIS B 146 -24.39 -18.60 -10.50
N LEU B 147 -24.08 -17.91 -11.59
CA LEU B 147 -24.97 -16.91 -12.17
C LEU B 147 -25.63 -17.44 -13.44
N VAL B 148 -26.97 -17.43 -13.42
CA VAL B 148 -27.78 -17.73 -14.61
C VAL B 148 -28.68 -16.51 -14.91
N GLY C 3 24.30 70.42 8.35
CA GLY C 3 25.32 70.47 7.27
C GLY C 3 25.98 69.12 7.06
N MET C 4 25.33 68.28 6.25
CA MET C 4 25.80 66.90 5.89
C MET C 4 25.97 65.91 7.06
N GLN C 5 26.09 66.40 8.30
CA GLN C 5 26.09 65.54 9.48
C GLN C 5 24.66 65.29 9.94
N LEU C 6 23.80 66.30 9.77
CA LEU C 6 22.37 66.14 9.97
C LEU C 6 21.79 65.15 8.97
N GLU C 7 22.13 65.31 7.69
CA GLU C 7 21.48 64.58 6.62
C GLU C 7 21.93 63.13 6.46
N ASP C 8 23.14 62.83 6.91
CA ASP C 8 23.68 61.46 6.85
C ASP C 8 23.07 60.57 7.94
N LEU C 9 22.36 61.18 8.88
CA LEU C 9 21.70 60.43 9.95
C LEU C 9 20.27 60.05 9.58
N ARG C 10 19.50 61.03 9.11
CA ARG C 10 18.09 60.80 8.75
C ARG C 10 17.88 60.10 7.41
N GLN C 11 18.92 60.10 6.56
CA GLN C 11 18.95 59.28 5.35
C GLN C 11 19.37 57.87 5.74
N GLN C 12 20.05 57.79 6.87
CA GLN C 12 20.49 56.52 7.41
C GLN C 12 19.44 55.95 8.34
N LEU C 13 18.61 56.84 8.90
CA LEU C 13 17.45 56.45 9.70
C LEU C 13 16.30 56.05 8.80
N GLN C 14 15.97 56.90 7.84
CA GLN C 14 14.92 56.59 6.87
C GLN C 14 15.22 55.28 6.11
N GLN C 15 16.48 55.05 5.78
CA GLN C 15 16.87 53.83 5.06
C GLN C 15 16.63 52.58 5.89
N ALA C 16 16.89 52.70 7.19
CA ALA C 16 16.76 51.60 8.13
C ALA C 16 15.32 51.33 8.53
N GLU C 17 14.44 52.32 8.44
CA GLU C 17 13.02 52.13 8.74
C GLU C 17 12.33 51.54 7.55
N GLU C 18 12.78 51.92 6.37
CA GLU C 18 12.37 51.29 5.14
C GLU C 18 12.76 49.82 5.18
N ALA C 19 14.03 49.57 5.51
CA ALA C 19 14.54 48.22 5.63
C ALA C 19 13.76 47.38 6.63
N LEU C 20 13.18 47.99 7.67
CA LEU C 20 12.33 47.26 8.63
C LEU C 20 11.04 46.75 8.00
N VAL C 21 10.52 47.52 7.04
CA VAL C 21 9.28 47.19 6.35
C VAL C 21 9.45 45.91 5.50
N ALA C 22 10.53 45.84 4.74
CA ALA C 22 10.77 44.72 3.85
C ALA C 22 11.08 43.47 4.66
N LYS C 23 11.94 43.61 5.66
CA LYS C 23 12.19 42.57 6.66
C LYS C 23 10.93 41.96 7.26
N GLN C 24 9.91 42.79 7.50
CA GLN C 24 8.68 42.30 8.12
C GLN C 24 7.83 41.51 7.13
N GLU C 25 7.65 42.07 5.94
CA GLU C 25 6.98 41.43 4.82
C GLU C 25 7.51 40.01 4.70
N LEU C 26 8.82 39.90 4.51
CA LEU C 26 9.52 38.64 4.39
C LEU C 26 9.32 37.74 5.61
N ILE C 27 9.13 38.32 6.79
CA ILE C 27 8.81 37.54 8.00
C ILE C 27 7.40 36.95 7.94
N ASP C 28 6.41 37.80 7.63
CA ASP C 28 5.00 37.38 7.52
C ASP C 28 4.72 36.29 6.47
N LYS C 29 5.26 36.50 5.26
CA LYS C 29 5.21 35.53 4.17
C LYS C 29 5.80 34.20 4.62
N LEU C 30 6.98 34.26 5.20
CA LEU C 30 7.68 33.05 5.62
C LEU C 30 6.98 32.34 6.79
N LYS C 31 6.06 33.02 7.46
CA LYS C 31 5.28 32.44 8.55
C LYS C 31 4.01 31.77 8.04
N GLU C 32 3.23 32.49 7.22
CA GLU C 32 2.04 31.91 6.58
C GLU C 32 2.42 30.67 5.75
N GLU C 33 3.66 30.67 5.23
CA GLU C 33 4.16 29.55 4.45
C GLU C 33 4.48 28.36 5.32
N ALA C 34 5.03 28.64 6.49
CA ALA C 34 5.33 27.59 7.46
C ALA C 34 4.06 27.01 8.06
N ALA C 35 3.02 27.83 8.17
CA ALA C 35 1.74 27.38 8.72
C ALA C 35 0.95 26.57 7.70
N GLN C 36 1.00 26.98 6.44
CA GLN C 36 0.42 26.16 5.37
C GLN C 36 1.11 24.81 5.32
N HIS C 37 2.43 24.83 5.10
CA HIS C 37 3.22 23.60 5.17
C HIS C 37 2.86 22.75 6.40
N ALA C 38 2.55 23.40 7.52
CA ALA C 38 2.17 22.64 8.70
C ALA C 38 0.93 21.77 8.44
N ILE C 39 -0.08 22.30 7.74
CA ILE C 39 -1.33 21.56 7.46
C ILE C 39 -1.05 20.25 6.72
N VAL C 40 -0.23 20.35 5.67
CA VAL C 40 0.24 19.20 4.90
C VAL C 40 0.96 18.18 5.79
N MET C 41 1.83 18.64 6.68
CA MET C 41 2.58 17.77 7.60
C MET C 41 1.72 16.99 8.57
N GLU C 42 0.53 17.52 8.86
CA GLU C 42 -0.48 16.88 9.71
C GLU C 42 -1.15 15.67 9.03
N THR C 43 -0.88 15.47 7.73
CA THR C 43 -1.50 14.38 7.01
C THR C 43 -0.57 13.20 6.81
N VAL C 44 0.73 13.36 7.07
CA VAL C 44 1.66 12.24 6.86
C VAL C 44 1.48 11.07 7.82
N PRO C 45 0.98 11.32 9.07
CA PRO C 45 0.73 10.17 9.95
C PRO C 45 -0.34 9.23 9.38
N VAL C 46 -1.24 9.77 8.57
CA VAL C 46 -2.32 9.00 7.99
C VAL C 46 -1.80 8.24 6.77
N LEU C 47 -1.13 8.95 5.88
CA LEU C 47 -0.47 8.31 4.76
C LEU C 47 0.39 7.14 5.22
N LYS C 48 1.18 7.35 6.27
CA LYS C 48 2.00 6.26 6.83
C LYS C 48 1.14 5.05 7.23
N ALA C 49 0.07 5.31 7.98
CA ALA C 49 -0.87 4.26 8.39
C ALA C 49 -1.45 3.52 7.19
N GLN C 50 -1.70 4.27 6.10
CA GLN C 50 -2.29 3.72 4.89
C GLN C 50 -1.38 2.71 4.18
N ALA C 51 -0.07 2.94 4.20
CA ALA C 51 0.90 1.95 3.73
C ALA C 51 0.74 0.65 4.52
N ASP C 52 0.52 0.76 5.84
CA ASP C 52 0.31 -0.41 6.72
C ASP C 52 -1.00 -1.15 6.42
N ILE C 53 -2.10 -0.40 6.30
CA ILE C 53 -3.42 -0.97 5.93
C ILE C 53 -3.33 -1.73 4.60
N TYR C 54 -2.85 -1.05 3.56
CA TYR C 54 -2.67 -1.63 2.25
C TYR C 54 -1.84 -2.88 2.29
N LYS C 55 -0.65 -2.78 2.88
CA LYS C 55 0.26 -3.92 2.97
C LYS C 55 -0.45 -5.12 3.62
N ALA C 56 -1.14 -4.89 4.74
CA ALA C 56 -1.86 -5.98 5.44
C ALA C 56 -2.94 -6.61 4.56
N ASP C 57 -3.69 -5.74 3.87
CA ASP C 57 -4.68 -6.18 2.91
C ASP C 57 -4.03 -7.00 1.81
N PHE C 58 -2.81 -6.62 1.41
CA PHE C 58 -2.09 -7.39 0.38
C PHE C 58 -1.70 -8.77 0.90
N GLN C 59 -1.25 -8.83 2.13
CA GLN C 59 -0.79 -10.09 2.69
C GLN C 59 -1.95 -11.08 2.84
N ALA C 60 -3.15 -10.55 3.07
CA ALA C 60 -4.37 -11.39 3.21
C ALA C 60 -4.68 -12.05 1.88
N GLU C 61 -4.52 -11.30 0.81
CA GLU C 61 -4.65 -11.80 -0.54
C GLU C 61 -3.60 -12.86 -0.86
N ARG C 62 -2.38 -12.68 -0.35
CA ARG C 62 -1.30 -13.62 -0.55
C ARG C 62 -1.57 -14.97 0.09
N HIS C 63 -1.98 -14.97 1.35
CA HIS C 63 -2.16 -16.24 2.04
C HIS C 63 -3.42 -16.95 1.49
N ALA C 64 -4.46 -16.18 1.16
CA ALA C 64 -5.64 -16.71 0.47
C ALA C 64 -5.20 -17.36 -0.84
N ARG C 65 -4.40 -16.62 -1.60
CA ARG C 65 -3.78 -17.15 -2.80
C ARG C 65 -3.07 -18.48 -2.47
N GLU C 66 -2.30 -18.50 -1.39
CA GLU C 66 -1.58 -19.72 -1.02
C GLU C 66 -2.50 -20.85 -0.62
N LYS C 67 -3.56 -20.49 0.09
CA LYS C 67 -4.54 -21.44 0.60
C LYS C 67 -5.17 -22.20 -0.56
N LEU C 68 -5.43 -21.50 -1.66
CA LEU C 68 -6.02 -22.13 -2.85
C LEU C 68 -4.99 -22.89 -3.67
N VAL C 69 -3.75 -22.38 -3.72
CA VAL C 69 -2.65 -23.13 -4.35
C VAL C 69 -2.46 -24.48 -3.65
N GLU C 70 -2.63 -24.46 -2.32
CA GLU C 70 -2.53 -25.63 -1.45
C GLU C 70 -3.59 -26.70 -1.76
N LYS C 71 -4.86 -26.30 -1.81
CA LYS C 71 -5.96 -27.21 -2.17
C LYS C 71 -5.73 -27.77 -3.56
N LYS C 72 -5.47 -26.89 -4.52
CA LYS C 72 -5.21 -27.27 -5.92
C LYS C 72 -4.15 -28.35 -6.01
N GLU C 73 -3.08 -28.22 -5.23
CA GLU C 73 -2.01 -29.22 -5.22
C GLU C 73 -2.44 -30.56 -4.61
N TYR C 74 -3.44 -30.53 -3.73
CA TYR C 74 -3.97 -31.72 -3.08
C TYR C 74 -4.89 -32.55 -3.99
N LEU C 75 -5.88 -31.90 -4.60
CA LEU C 75 -6.83 -32.57 -5.48
C LEU C 75 -6.17 -33.18 -6.70
N GLN C 76 -5.29 -32.42 -7.33
CA GLN C 76 -4.53 -32.90 -8.48
C GLN C 76 -3.61 -34.04 -8.08
N GLU C 77 -3.36 -34.18 -6.77
CA GLU C 77 -2.56 -35.27 -6.25
C GLU C 77 -3.42 -36.50 -6.00
N GLN C 78 -4.68 -36.25 -5.66
CA GLN C 78 -5.65 -37.31 -5.46
C GLN C 78 -6.30 -37.73 -6.78
N LEU C 79 -6.44 -36.80 -7.73
CA LEU C 79 -7.04 -37.11 -9.02
C LEU C 79 -6.16 -38.07 -9.84
N GLU C 80 -4.96 -38.34 -9.32
CA GLU C 80 -4.03 -39.33 -9.88
C GLU C 80 -4.06 -40.60 -9.04
N GLN C 81 -4.91 -40.57 -8.02
CA GLN C 81 -5.19 -41.71 -7.15
C GLN C 81 -6.48 -42.38 -7.60
N LEU C 82 -7.47 -41.56 -7.94
CA LEU C 82 -8.73 -42.03 -8.47
C LEU C 82 -8.54 -42.68 -9.84
N GLN C 83 -7.65 -42.11 -10.65
CA GLN C 83 -7.36 -42.64 -11.98
C GLN C 83 -6.79 -44.06 -11.95
N ARG C 84 -5.74 -44.25 -11.17
CA ARG C 84 -4.96 -45.50 -11.19
C ARG C 84 -5.80 -46.78 -11.18
N GLU C 85 -6.90 -46.77 -10.43
CA GLU C 85 -7.81 -47.93 -10.35
C GLU C 85 -8.94 -47.89 -11.38
N PHE C 86 -9.34 -46.66 -11.76
CA PHE C 86 -10.27 -46.40 -12.85
C PHE C 86 -9.70 -46.92 -14.18
N ASN C 87 -8.38 -46.80 -14.34
CA ASN C 87 -7.66 -47.28 -15.52
C ASN C 87 -7.18 -48.73 -15.39
N LYS C 88 -7.67 -49.44 -14.38
CA LYS C 88 -7.40 -50.88 -14.28
C LYS C 88 -8.66 -51.75 -14.24
N LEU C 89 -9.74 -51.26 -13.64
CA LEU C 89 -10.98 -52.02 -13.59
C LEU C 89 -11.78 -52.00 -14.88
N LYS C 90 -11.69 -50.91 -15.63
CA LYS C 90 -12.35 -50.79 -16.92
C LYS C 90 -12.02 -51.99 -17.84
N GLY D 3 19.92 71.61 18.08
CA GLY D 3 21.13 71.30 18.91
C GLY D 3 21.22 69.82 19.27
N MET D 4 20.50 69.44 20.34
CA MET D 4 20.41 68.05 20.82
C MET D 4 19.90 67.09 19.74
N GLN D 5 19.45 67.67 18.62
CA GLN D 5 18.92 66.93 17.47
C GLN D 5 19.85 65.83 16.97
N LEU D 6 21.13 66.14 16.83
CA LEU D 6 22.11 65.16 16.35
C LEU D 6 22.59 64.25 17.49
N GLU D 7 21.68 63.97 18.42
CA GLU D 7 21.82 62.92 19.43
C GLU D 7 20.49 62.21 19.60
N ASP D 8 19.43 62.92 19.21
CA ASP D 8 18.06 62.41 19.20
C ASP D 8 17.83 61.50 17.98
N LEU D 9 18.51 61.82 16.88
CA LEU D 9 18.47 60.96 15.69
C LEU D 9 19.61 59.93 15.70
N ARG D 10 20.50 60.02 16.68
CA ARG D 10 21.50 58.98 16.91
C ARG D 10 20.97 57.89 17.85
N GLN D 11 19.97 58.25 18.66
CA GLN D 11 19.33 57.28 19.56
C GLN D 11 18.26 56.40 18.88
N GLN D 12 17.53 56.98 17.92
CA GLN D 12 16.56 56.22 17.14
C GLN D 12 17.28 55.29 16.19
N LEU D 13 18.41 55.75 15.65
CA LEU D 13 19.17 54.94 14.69
C LEU D 13 19.72 53.69 15.35
N GLN D 14 20.33 53.83 16.52
CA GLN D 14 20.77 52.67 17.26
C GLN D 14 19.60 51.67 17.41
N GLN D 15 18.50 52.17 17.95
CA GLN D 15 17.29 51.39 18.19
C GLN D 15 16.73 50.68 16.94
N ALA D 16 16.85 51.34 15.80
CA ALA D 16 16.37 50.79 14.54
C ALA D 16 17.38 49.82 13.97
N GLU D 17 18.67 50.18 14.02
CA GLU D 17 19.75 49.26 13.63
C GLU D 17 19.64 47.94 14.41
N GLU D 18 19.28 48.03 15.69
CA GLU D 18 19.07 46.88 16.57
C GLU D 18 17.81 46.07 16.25
N ALA D 19 16.75 46.76 15.82
CA ALA D 19 15.50 46.09 15.46
C ALA D 19 15.69 45.29 14.17
N LEU D 20 16.49 45.85 13.27
CA LEU D 20 16.79 45.27 11.95
C LEU D 20 17.61 44.01 12.09
N VAL D 21 18.62 44.05 12.97
CA VAL D 21 19.40 42.87 13.28
C VAL D 21 18.48 41.78 13.82
N ALA D 22 17.58 42.12 14.73
CA ALA D 22 16.70 41.13 15.33
C ALA D 22 15.83 40.46 14.28
N LYS D 23 15.23 41.28 13.42
CA LYS D 23 14.31 40.78 12.41
C LYS D 23 15.04 40.10 11.26
N GLN D 24 16.35 40.30 11.18
CA GLN D 24 17.16 39.54 10.26
C GLN D 24 17.59 38.22 10.90
N GLU D 25 17.62 38.18 12.22
CA GLU D 25 17.93 36.94 12.92
C GLU D 25 16.71 36.02 12.99
N LEU D 26 15.52 36.58 13.08
CA LEU D 26 14.30 35.78 13.03
C LEU D 26 14.12 35.19 11.64
N ILE D 27 14.44 35.99 10.62
CA ILE D 27 14.45 35.54 9.25
C ILE D 27 15.37 34.33 9.08
N ASP D 28 16.62 34.46 9.56
CA ASP D 28 17.63 33.40 9.46
C ASP D 28 17.17 32.12 10.11
N LYS D 29 16.42 32.23 11.21
CA LYS D 29 15.87 31.09 11.93
C LYS D 29 14.78 30.44 11.11
N LEU D 30 13.98 31.29 10.49
CA LEU D 30 12.83 30.87 9.71
C LEU D 30 13.21 30.16 8.42
N LYS D 31 14.38 30.51 7.86
CA LYS D 31 14.93 29.85 6.68
C LYS D 31 15.45 28.44 7.00
N GLU D 32 16.35 28.34 7.98
CA GLU D 32 16.82 27.06 8.49
C GLU D 32 15.64 26.11 8.67
N GLU D 33 14.55 26.65 9.21
CA GLU D 33 13.31 25.89 9.45
C GLU D 33 12.61 25.48 8.16
N ALA D 34 12.47 26.43 7.24
CA ALA D 34 11.81 26.16 5.94
C ALA D 34 12.46 25.02 5.15
N ALA D 35 13.80 24.96 5.15
CA ALA D 35 14.60 23.97 4.39
C ALA D 35 14.51 22.58 4.98
N GLN D 36 14.34 22.52 6.30
CA GLN D 36 14.11 21.28 6.99
C GLN D 36 12.71 20.79 6.60
N HIS D 37 11.76 21.72 6.60
CA HIS D 37 10.40 21.44 6.14
C HIS D 37 10.39 20.92 4.69
N ALA D 38 10.88 21.73 3.75
CA ALA D 38 11.05 21.33 2.34
C ALA D 38 11.51 19.88 2.16
N ILE D 39 12.42 19.45 3.01
CA ILE D 39 12.90 18.09 2.86
C ILE D 39 12.08 17.01 3.50
N VAL D 40 11.23 17.39 4.43
CA VAL D 40 10.18 16.48 4.91
C VAL D 40 8.95 16.57 4.00
N MET D 41 8.67 17.78 3.52
CA MET D 41 7.65 18.02 2.52
C MET D 41 7.85 17.09 1.32
N GLU D 42 9.10 16.91 0.91
CA GLU D 42 9.46 16.06 -0.21
C GLU D 42 9.03 14.59 -0.03
N THR D 43 8.64 14.25 1.20
CA THR D 43 8.17 12.91 1.55
C THR D 43 6.69 12.67 1.22
N VAL D 44 5.96 13.73 0.90
CA VAL D 44 4.53 13.56 0.63
C VAL D 44 4.20 13.04 -0.77
N PRO D 45 4.73 13.66 -1.84
CA PRO D 45 4.52 13.00 -3.15
C PRO D 45 4.87 11.53 -3.09
N VAL D 46 6.03 11.21 -2.50
CA VAL D 46 6.44 9.81 -2.34
C VAL D 46 5.48 8.97 -1.48
N LEU D 47 5.12 9.42 -0.27
CA LEU D 47 4.12 8.68 0.52
C LEU D 47 2.77 8.44 -0.22
N LYS D 48 2.34 9.42 -1.03
CA LYS D 48 1.17 9.23 -1.88
C LYS D 48 1.46 8.18 -2.95
N ALA D 49 2.67 8.19 -3.48
CA ALA D 49 3.04 7.27 -4.56
C ALA D 49 3.06 5.86 -4.01
N GLN D 50 3.57 5.75 -2.78
CA GLN D 50 3.66 4.48 -2.06
C GLN D 50 2.28 3.84 -1.89
N ALA D 51 1.27 4.67 -1.61
CA ALA D 51 -0.12 4.19 -1.51
C ALA D 51 -0.56 3.55 -2.82
N ASP D 52 -0.39 4.29 -3.92
CA ASP D 52 -0.80 3.82 -5.24
C ASP D 52 -0.19 2.50 -5.63
N ILE D 53 1.14 2.44 -5.65
CA ILE D 53 1.83 1.20 -5.99
C ILE D 53 1.42 0.05 -5.06
N TYR D 54 1.14 0.33 -3.80
CA TYR D 54 0.63 -0.69 -2.87
C TYR D 54 -0.74 -1.17 -3.29
N LYS D 55 -1.59 -0.22 -3.69
CA LYS D 55 -2.95 -0.52 -4.18
C LYS D 55 -2.82 -1.43 -5.40
N ALA D 56 -1.91 -1.05 -6.30
CA ALA D 56 -1.64 -1.81 -7.52
C ALA D 56 -1.16 -3.22 -7.18
N ASP D 57 -0.19 -3.31 -6.28
CA ASP D 57 0.36 -4.61 -5.91
C ASP D 57 -0.71 -5.56 -5.38
N PHE D 58 -1.62 -5.00 -4.60
CA PHE D 58 -2.73 -5.76 -4.07
C PHE D 58 -3.64 -6.25 -5.21
N GLN D 59 -3.85 -5.40 -6.21
CA GLN D 59 -4.71 -5.73 -7.33
C GLN D 59 -4.17 -6.87 -8.17
N ALA D 60 -2.85 -6.93 -8.38
CA ALA D 60 -2.24 -8.05 -9.11
C ALA D 60 -2.48 -9.33 -8.33
N GLU D 61 -2.36 -9.24 -7.00
CA GLU D 61 -2.57 -10.36 -6.12
C GLU D 61 -3.99 -10.82 -6.11
N ARG D 62 -4.95 -9.91 -6.18
CA ARG D 62 -6.32 -10.36 -6.24
C ARG D 62 -6.57 -11.08 -7.56
N HIS D 63 -6.17 -10.46 -8.67
CA HIS D 63 -6.29 -11.10 -9.97
C HIS D 63 -5.72 -12.52 -9.89
N ALA D 64 -4.43 -12.64 -9.59
CA ALA D 64 -3.76 -13.93 -9.41
C ALA D 64 -4.52 -14.93 -8.53
N ARG D 65 -5.14 -14.45 -7.46
CA ARG D 65 -6.02 -15.29 -6.63
C ARG D 65 -7.23 -15.76 -7.43
N GLU D 66 -7.92 -14.81 -8.06
CA GLU D 66 -9.09 -15.13 -8.87
C GLU D 66 -8.80 -16.23 -9.89
N LYS D 67 -7.72 -16.05 -10.67
CA LYS D 67 -7.38 -17.01 -11.73
C LYS D 67 -7.22 -18.42 -11.22
N LEU D 68 -6.85 -18.53 -9.93
CA LEU D 68 -6.80 -19.82 -9.26
C LEU D 68 -8.18 -20.24 -8.77
N VAL D 69 -9.10 -19.28 -8.64
CA VAL D 69 -10.49 -19.64 -8.34
C VAL D 69 -11.23 -20.03 -9.62
N GLU D 70 -10.88 -19.36 -10.72
CA GLU D 70 -11.42 -19.71 -12.04
C GLU D 70 -11.09 -21.15 -12.38
N LYS D 71 -9.81 -21.49 -12.26
CA LYS D 71 -9.33 -22.85 -12.51
C LYS D 71 -9.89 -23.89 -11.55
N LYS D 72 -10.06 -23.55 -10.28
CA LYS D 72 -10.59 -24.55 -9.37
C LYS D 72 -12.06 -24.79 -9.70
N GLU D 73 -12.75 -23.75 -10.19
CA GLU D 73 -14.17 -23.86 -10.54
C GLU D 73 -14.41 -24.53 -11.88
N TYR D 74 -13.55 -24.21 -12.85
CA TYR D 74 -13.57 -24.87 -14.15
C TYR D 74 -13.29 -26.37 -14.05
N LEU D 75 -12.28 -26.73 -13.25
CA LEU D 75 -11.89 -28.13 -13.08
C LEU D 75 -12.95 -28.90 -12.30
N GLN D 76 -13.70 -28.20 -11.44
CA GLN D 76 -14.85 -28.81 -10.80
C GLN D 76 -16.06 -28.77 -11.69
N GLU D 77 -16.07 -27.82 -12.62
CA GLU D 77 -17.14 -27.73 -13.60
C GLU D 77 -17.03 -28.88 -14.58
N GLN D 78 -15.81 -29.31 -14.87
CA GLN D 78 -15.60 -30.41 -15.80
C GLN D 78 -15.59 -31.74 -15.04
N LEU D 79 -15.76 -31.65 -13.73
CA LEU D 79 -15.96 -32.83 -12.91
C LEU D 79 -17.44 -32.91 -12.61
N GLU D 80 -18.20 -32.00 -13.22
CA GLU D 80 -19.66 -32.04 -13.26
C GLU D 80 -20.13 -32.92 -14.43
N GLN D 81 -19.76 -32.52 -15.65
CA GLN D 81 -20.06 -33.30 -16.87
C GLN D 81 -19.49 -34.73 -16.85
N LEU D 82 -18.89 -35.14 -15.73
CA LEU D 82 -18.42 -36.51 -15.55
C LEU D 82 -19.12 -37.21 -14.42
N GLN D 83 -19.43 -36.48 -13.36
CA GLN D 83 -20.08 -37.05 -12.17
C GLN D 83 -21.52 -37.42 -12.51
N ARG D 84 -22.09 -36.75 -13.51
CA ARG D 84 -23.42 -37.07 -13.99
C ARG D 84 -23.44 -38.47 -14.61
N GLU D 85 -22.43 -38.80 -15.40
CA GLU D 85 -22.35 -40.10 -16.08
C GLU D 85 -22.19 -41.24 -15.11
N PHE D 86 -21.16 -41.14 -14.27
CA PHE D 86 -20.74 -42.23 -13.39
C PHE D 86 -21.87 -42.87 -12.58
N ASN D 87 -22.80 -42.05 -12.10
CA ASN D 87 -23.91 -42.57 -11.29
C ASN D 87 -25.16 -42.90 -12.11
N LYS D 88 -25.46 -42.02 -13.09
CA LYS D 88 -26.62 -42.15 -13.98
C LYS D 88 -26.67 -43.50 -14.68
N LEU D 89 -25.49 -44.02 -15.01
CA LEU D 89 -25.36 -45.30 -15.69
C LEU D 89 -24.59 -46.28 -14.81
N LYS D 90 -25.37 -47.03 -14.02
CA LYS D 90 -24.87 -48.05 -13.06
C LYS D 90 -24.00 -47.49 -11.94
#